data_2MAY
#
_entry.id   2MAY
#
_entity_poly.entity_id   1
_entity_poly.type   'polydeoxyribonucleotide'
_entity_poly.pdbx_seq_one_letter_code
;(DT)(DT)(DG)(LCG)(DG)(DT)(DT)(DA)(DG)(DG)(DG)(DT)(DT)(DA)(DG)(DG)(DG)(DT)(DT)
(DA)(DG)(DG)(DG)(DA)
;
_entity_poly.pdbx_strand_id   A
#
loop_
_chem_comp.id
_chem_comp.type
_chem_comp.name
_chem_comp.formula
DA DNA linking 2'-DEOXYADENOSINE-5'-MONOPHOSPHATE 'C10 H14 N5 O6 P'
DG DNA linking 2'-DEOXYGUANOSINE-5'-MONOPHOSPHATE 'C10 H14 N5 O7 P'
DT DNA linking THYMIDINE-5'-MONOPHOSPHATE 'C10 H15 N2 O8 P'
LCG RNA linking '[(1R,3R,4R,7S)-7-HYDROXY-3-(GUANIN-9-YL)-2,5-DIOXABICYCLO[2.2.1]HEPT-1-YL]METHYL DIHYDROGEN PHOSPHATE' 'C11 H14 N5 O8 P'
#
# COMPACT_ATOMS: atom_id res chain seq x y z
P LCG A 4 1.21 -4.87 -1.49
OP1 LCG A 4 2.38 -5.63 -1.01
O5' LCG A 4 1.11 -3.50 -0.63
C5' LCG A 4 2.30 -2.94 -0.05
C3' LCG A 4 1.09 -1.28 1.48
C6' LCG A 4 3.28 -0.67 0.84
N9 LCG A 4 -0.52 0.54 -0.33
C8 LCG A 4 -1.37 -0.41 -0.84
C4 LCG A 4 -1.27 1.69 -0.25
N7 LCG A 4 -2.57 0.02 -1.08
C5 LCG A 4 -2.53 1.36 -0.71
C6 LCG A 4 -3.55 2.35 -0.75
C2' LCG A 4 1.31 0.21 1.44
O6 LCG A 4 -4.71 2.23 -1.13
C4' LCG A 4 2.08 -1.49 0.39
C1' LCG A 4 0.93 0.44 -0.02
C2 LCG A 4 -1.80 3.82 0.16
N1 LCG A 4 -3.09 3.58 -0.29
O4' LCG A 4 1.47 -0.73 -0.68
OP2 LCG A 4 -0.13 -5.50 -1.49
N2 LCG A 4 -1.54 5.07 0.57
N3 LCG A 4 -0.84 2.90 0.20
O2' LCG A 4 2.73 0.43 1.60
O3' LCG A 4 1.53 -1.87 2.72
H5' LCG A 4 3.10 -2.98 -0.77
H5'' LCG A 4 2.58 -3.53 0.82
H3' LCG A 4 0.08 -1.56 1.20
H6'1 LCG A 4 3.84 -0.29 -0.03
H6'2 LCG A 4 3.94 -1.27 1.46
H8 LCG A 4 -1.07 -1.44 -1.04
H2' LCG A 4 0.68 0.76 2.14
H1' LCG A 4 1.45 1.34 -0.39
H1 LCG A 4 -3.76 4.34 -0.30
H21 LCG A 4 -2.27 5.77 0.54
H22 LCG A 4 -0.62 5.30 0.92
P LCG A 4 0.75 -4.81 -1.59
OP1 LCG A 4 1.65 -5.85 -1.05
O5' LCG A 4 0.75 -3.57 -0.56
C5' LCG A 4 1.97 -3.07 -0.02
C3' LCG A 4 0.96 -1.27 1.48
C6' LCG A 4 3.14 -0.82 0.71
N9 LCG A 4 -0.64 0.55 -0.35
C8 LCG A 4 -1.56 -0.38 -0.78
C4 LCG A 4 -1.33 1.74 -0.29
N7 LCG A 4 -2.75 0.11 -1.00
C5 LCG A 4 -2.61 1.46 -0.69
C6 LCG A 4 -3.57 2.51 -0.73
C2' LCG A 4 1.24 0.19 1.35
O6 LCG A 4 -4.75 2.45 -1.07
C4' LCG A 4 1.88 -1.59 0.35
C1' LCG A 4 0.81 0.38 -0.10
C2 LCG A 4 -1.71 3.92 0.05
N1 LCG A 4 -3.02 3.73 -0.34
O4' LCG A 4 1.25 -0.85 -0.72
OP2 LCG A 4 -0.66 -5.14 -1.91
N2 LCG A 4 -1.37 5.16 0.40
N3 LCG A 4 -0.80 2.93 0.09
O2' LCG A 4 2.67 0.37 1.43
O3' LCG A 4 1.47 -1.79 2.71
H5' LCG A 4 2.77 -3.19 -0.76
H5'' LCG A 4 2.23 -3.65 0.88
H3' LCG A 4 -0.08 -1.54 1.28
H6'1 LCG A 4 3.68 -0.53 -0.19
H6'2 LCG A 4 3.78 -1.43 1.35
H8 LCG A 4 -1.32 -1.42 -0.95
H2' LCG A 4 0.68 0.81 2.05
H1' LCG A 4 1.36 1.22 -0.54
H1 LCG A 4 -3.64 4.53 -0.37
H21 LCG A 4 -2.05 5.90 0.36
H22 LCG A 4 -0.42 5.35 0.69
P LCG A 4 0.88 -4.89 -1.84
OP1 LCG A 4 1.80 -5.92 -1.30
O5' LCG A 4 0.80 -3.68 -0.79
C5' LCG A 4 1.99 -3.13 -0.22
C3' LCG A 4 0.79 -1.49 1.31
C6' LCG A 4 2.99 -0.88 0.72
N9 LCG A 4 -0.76 0.41 -0.49
C8 LCG A 4 -1.65 -0.50 -1.01
C4 LCG A 4 -1.49 1.58 -0.38
N7 LCG A 4 -2.84 -0.03 -1.23
C5 LCG A 4 -2.74 1.29 -0.83
C6 LCG A 4 -3.73 2.32 -0.84
C2' LCG A 4 1.01 0.00 1.30
O6 LCG A 4 -4.90 2.25 -1.22
C4' LCG A 4 1.79 -1.68 0.24
C1' LCG A 4 0.67 0.27 -0.16
C2 LCG A 4 -1.94 3.72 0.09
N1 LCG A 4 -3.24 3.52 -0.36
O4' LCG A 4 1.20 -0.90 -0.83
OP2 LCG A 4 -0.50 -5.27 -2.23
N2 LCG A 4 -1.64 4.94 0.53
N3 LCG A 4 -1.01 2.76 0.10
O2' LCG A 4 2.43 0.22 1.50
O3' LCG A 4 1.24 -2.07 2.54
H5' LCG A 4 2.78 -3.16 -0.97
H5'' LCG A 4 2.29 -3.74 0.64
H3' LCG A 4 -0.22 -1.77 1.02
H6'1 LCG A 4 3.57 -0.50 -0.12
H6'2 LCG A 4 3.62 -1.51 1.36
H8 LCG A 4 -1.37 -1.54 -1.23
H2' LCG A 4 0.38 0.54 2.00
H1' LCG A 4 1.22 1.15 -0.50
H1 LCG A 4 -3.88 4.31 -0.34
H21 LCG A 4 -2.34 5.67 0.52
H22 LCG A 4 -0.71 5.14 0.87
P LCG A 4 0.73 -5.05 -1.77
OP1 LCG A 4 1.63 -6.10 -1.25
O5' LCG A 4 0.65 -3.86 -0.69
C5' LCG A 4 1.84 -3.37 -0.07
C3' LCG A 4 0.72 -1.68 1.48
C6' LCG A 4 2.94 -1.15 0.82
N9 LCG A 4 -0.82 0.20 -0.32
C8 LCG A 4 -1.70 -0.73 -0.83
C4 LCG A 4 -1.53 1.37 -0.25
N7 LCG A 4 -2.88 -0.24 -1.08
C5 LCG A 4 -2.80 1.09 -0.72
C6 LCG A 4 -3.78 2.11 -0.76
C2' LCG A 4 1.00 -0.21 1.45
O6 LCG A 4 -4.94 2.03 -1.15
C4' LCG A 4 1.70 -1.92 0.37
C1' LCG A 4 0.63 0.05 -0.01
C2 LCG A 4 -1.99 3.53 0.15
N1 LCG A 4 -3.28 3.33 -0.31
O4' LCG A 4 1.12 -1.13 -0.68
OP2 LCG A 4 -0.66 -5.40 -2.16
N2 LCG A 4 -1.69 4.76 0.56
N3 LCG A 4 -1.07 2.57 0.20
O2' LCG A 4 2.43 -0.03 1.60
O3' LCG A 4 1.13 -2.30 2.72
H5' LCG A 4 2.66 -3.45 -0.78
H5'' LCG A 4 2.07 -4.00 0.80
H3' LCG A 4 -0.30 -1.92 1.19
H6'1 LCG A 4 3.49 -0.79 -0.04
H6'2 LCG A 4 3.57 -1.78 1.44
H8 LCG A 4 -1.43 -1.76 -1.03
H2' LCG A 4 0.40 0.36 2.16
H1' LCG A 4 1.18 0.93 -0.38
H1 LCG A 4 -3.92 4.11 -0.32
H21 LCG A 4 -2.39 5.50 0.53
H22 LCG A 4 -0.77 4.98 0.91
P LCG A 4 1.12 -4.88 -1.88
OP1 LCG A 4 2.14 -5.82 -1.34
O5' LCG A 4 1.02 -3.62 -0.87
C5' LCG A 4 2.21 -3.05 -0.31
C3' LCG A 4 0.97 -1.45 1.25
C6' LCG A 4 3.17 -0.81 0.67
N9 LCG A 4 -0.61 0.46 -0.53
C8 LCG A 4 -1.46 -0.47 -1.07
C4 LCG A 4 -1.34 1.61 -0.40
N7 LCG A 4 -2.67 -0.01 -1.29
C5 LCG A 4 -2.60 1.32 -0.86
C6 LCG A 4 -3.60 2.33 -0.85
C2' LCG A 4 1.18 0.04 1.26
O6 LCG A 4 -4.76 2.25 -1.23
C4' LCG A 4 1.98 -1.62 0.16
C1' LCG A 4 0.84 0.33 -0.20
C2 LCG A 4 -1.82 3.74 0.10
N1 LCG A 4 -3.11 3.54 -0.35
O4' LCG A 4 1.38 -0.83 -0.89
OP2 LCG A 4 -0.25 -5.36 -2.17
N2 LCG A 4 -1.53 4.96 0.56
N3 LCG A 4 -0.88 2.78 0.10
O2' LCG A 4 2.59 0.28 1.45
O3' LCG A 4 1.44 -2.04 2.47
H5' LCG A 4 2.99 -3.07 -1.05
H5'' LCG A 4 2.52 -3.66 0.54
H3' LCG A 4 -0.04 -1.75 0.95
H6'1 LCG A 4 3.74 -0.41 -0.17
H6'2 LCG A 4 3.81 -1.42 1.30
H8 LCG A 4 -1.18 -1.49 -1.31
H2' LCG A 4 0.54 0.57 1.96
H1' LCG A 4 1.37 1.22 -0.53
H1 LCG A 4 -3.77 4.31 -0.33
H21 LCG A 4 -2.23 5.67 0.56
H22 LCG A 4 -0.60 5.16 0.90
P LCG A 4 0.93 -4.77 -1.92
OP1 LCG A 4 1.95 -5.72 -1.44
O5' LCG A 4 0.87 -3.53 -0.90
C5' LCG A 4 2.06 -3.01 -0.32
C3' LCG A 4 0.87 -1.44 1.31
C6' LCG A 4 3.08 -0.82 0.75
N9 LCG A 4 -0.66 0.55 -0.42
C8 LCG A 4 -1.55 -0.36 -0.95
C4 LCG A 4 -1.38 1.72 -0.32
N7 LCG A 4 -2.73 0.12 -1.20
C5 LCG A 4 -2.64 1.45 -0.81
C6 LCG A 4 -3.61 2.48 -0.84
C2' LCG A 4 1.10 0.04 1.37
O6 LCG A 4 -4.77 2.42 -1.25
C4' LCG A 4 1.87 -1.59 0.22
C1' LCG A 4 0.77 0.38 -0.08
C2 LCG A 4 -1.83 3.87 0.12
N1 LCG A 4 -3.11 3.68 -0.35
O4' LCG A 4 1.29 -0.75 -0.81
OP2 LCG A 4 -0.46 -5.24 -2.16
N2 LCG A 4 -1.53 5.09 0.56
N3 LCG A 4 -0.90 2.90 0.15
O2' LCG A 4 2.51 0.24 1.57
O3' LCG A 4 1.34 -2.08 2.51
H5' LCG A 4 2.85 -3.00 -1.08
H5'' LCG A 4 2.37 -3.66 0.50
H3' LCG A 4 -0.14 -1.72 1.01
H6'1 LCG A 4 3.65 -0.40 -0.07
H6'2 LCG A 4 3.70 -1.48 1.36
H8 LCG A 4 -1.29 -1.39 -1.19
H2' LCG A 4 0.47 0.55 2.09
H1' LCG A 4 1.31 1.29 -0.38
H1 LCG A 4 -3.75 4.47 -0.37
H21 LCG A 4 -2.23 5.83 0.53
H22 LCG A 4 -0.61 5.29 0.92
P LCG A 4 0.77 -4.88 -1.66
OP1 LCG A 4 1.70 -5.88 -1.07
O5' LCG A 4 0.69 -3.63 -0.65
C5' LCG A 4 1.88 -3.07 -0.08
C3' LCG A 4 0.72 -1.33 1.37
C6' LCG A 4 2.91 -0.77 0.72
N9 LCG A 4 -0.86 0.46 -0.50
C8 LCG A 4 -1.74 -0.48 -0.96
C4 LCG A 4 -1.58 1.64 -0.43
N7 LCG A 4 -2.94 -0.01 -1.20
C5 LCG A 4 -2.84 1.34 -0.86
C6 LCG A 4 -3.83 2.37 -0.91
C2' LCG A 4 0.95 0.15 1.27
O6 LCG A 4 -5.01 2.29 -1.26
C4' LCG A 4 1.70 -1.60 0.29
C1' LCG A 4 0.58 0.34 -0.19
C2 LCG A 4 -2.01 3.80 -0.06
N1 LCG A 4 -3.31 3.59 -0.49
O4' LCG A 4 1.09 -0.87 -0.80
OP2 LCG A 4 -0.61 -5.27 -2.02
N2 LCG A 4 -1.70 5.04 0.31
N3 LCG A 4 -1.09 2.84 -0.02
O2' LCG A 4 2.37 0.37 1.43
O3' LCG A 4 1.20 -1.83 2.63
H5' LCG A 4 2.69 -3.15 -0.81
H5'' LCG A 4 2.15 -3.63 0.81
H3' LCG A 4 -0.31 -1.63 1.13
H6'1 LCG A 4 3.48 -0.45 -0.15
H6'2 LCG A 4 3.55 -1.37 1.38
H8 LCG A 4 -1.48 -1.51 -1.14
H2' LCG A 4 0.33 0.74 1.95
H1' LCG A 4 1.13 1.20 -0.59
H1 LCG A 4 -3.95 4.38 -0.50
H21 LCG A 4 -2.39 5.76 0.29
H22 LCG A 4 -0.76 5.25 0.64
P LCG A 4 1.12 -4.86 -1.39
OP1 LCG A 4 2.25 -5.72 -0.95
O5' LCG A 4 1.02 -3.61 -0.38
C5' LCG A 4 2.21 -3.01 0.14
C3' LCG A 4 1.03 -1.30 1.63
C6' LCG A 4 3.20 -0.70 0.94
N9 LCG A 4 -0.61 0.47 -0.24
C8 LCG A 4 -1.50 -0.48 -0.68
C4 LCG A 4 -1.34 1.64 -0.20
N7 LCG A 4 -2.70 -0.03 -0.90
C5 LCG A 4 -2.61 1.33 -0.61
C6 LCG A 4 -3.60 2.34 -0.67
C2' LCG A 4 1.23 0.18 1.52
O6 LCG A 4 -4.78 2.24 -1.03
C4' LCG A 4 2.00 -1.54 0.52
C1' LCG A 4 0.84 0.36 0.04
C2 LCG A 4 -1.79 3.81 0.11
N1 LCG A 4 -3.09 3.58 -0.30
O4' LCG A 4 1.36 -0.83 -0.56
OP2 LCG A 4 -0.24 -5.45 -1.52
N2 LCG A 4 -1.48 5.06 0.44
N3 LCG A 4 -0.86 2.86 0.17
O2' LCG A 4 2.64 0.43 1.66
O3' LCG A 4 1.52 -1.80 2.87
H5' LCG A 4 3.00 -3.07 -0.61
H5'' LCG A 4 2.52 -3.57 1.02
H3' LCG A 4 0.01 -1.61 1.38
H6'1 LCG A 4 3.75 -0.36 0.06
H6'2 LCG A 4 3.85 -1.27 1.58
H8 LCG A 4 -1.23 -1.53 -0.81
H2' LCG A 4 0.60 0.76 2.21
H1' LCG A 4 1.36 1.24 -0.36
H1 LCG A 4 -3.74 4.36 -0.33
H21 LCG A 4 -2.19 5.79 0.40
H22 LCG A 4 -0.55 5.29 0.74
P LCG A 4 1.23 -4.75 -1.63
OP1 LCG A 4 2.23 -5.69 -1.07
O5' LCG A 4 1.11 -3.50 -0.63
C5' LCG A 4 2.29 -2.87 -0.10
C3' LCG A 4 1.01 -1.29 1.43
C6' LCG A 4 3.18 -0.59 0.83
N9 LCG A 4 -0.63 0.55 -0.39
C8 LCG A 4 -1.47 -0.42 -0.89
C4 LCG A 4 -1.39 1.69 -0.32
N7 LCG A 4 -2.67 0.00 -1.14
C5 LCG A 4 -2.64 1.35 -0.79
C6 LCG A 4 -3.66 2.33 -0.85
C2' LCG A 4 1.16 0.21 1.41
O6 LCG A 4 -4.82 2.21 -1.23
C4' LCG A 4 2.02 -1.44 0.34
C1' LCG A 4 0.81 0.46 -0.06
C2 LCG A 4 -1.93 3.83 0.06
N1 LCG A 4 -3.21 3.57 -0.40
O4' LCG A 4 1.39 -0.69 -0.72
OP2 LCG A 4 -0.13 -5.22 -1.94
N2 LCG A 4 -1.67 5.07 0.45
N3 LCG A 4 -0.96 2.90 0.12
O2' LCG A 4 2.58 0.49 1.60
O3' LCG A 4 1.50 -1.84 2.65
H5' LCG A 4 3.06 -2.86 -0.88
H5'' LCG A 4 2.65 -3.46 0.75
H3' LCG A 4 0.01 -1.63 1.14
H6'1 LCG A 4 3.74 -0.18 0.00
H6'2 LCG A 4 3.84 -1.17 1.48
H8 LCG A 4 -1.16 -1.45 -1.08
H2' LCG A 4 0.51 0.73 2.11
H1' LCG A 4 1.32 1.37 -0.40
H1 LCG A 4 -3.88 4.33 -0.42
H21 LCG A 4 -2.39 5.77 0.42
H22 LCG A 4 -0.75 5.32 0.79
P LCG A 4 1.22 -4.72 -1.82
OP1 LCG A 4 2.20 -5.68 -1.26
O5' LCG A 4 1.10 -3.47 -0.79
C5' LCG A 4 2.27 -2.87 -0.24
C3' LCG A 4 0.99 -1.30 1.31
C6' LCG A 4 3.16 -0.60 0.74
N9 LCG A 4 -0.63 0.55 -0.50
C8 LCG A 4 -1.48 -0.40 -1.01
C4 LCG A 4 -1.39 1.70 -0.41
N7 LCG A 4 -2.67 0.04 -1.26
C5 LCG A 4 -2.63 1.37 -0.89
C6 LCG A 4 -3.65 2.37 -0.95
C2' LCG A 4 1.15 0.19 1.31
O6 LCG A 4 -4.81 2.26 -1.34
C4' LCG A 4 2.01 -1.44 0.23
C1' LCG A 4 0.82 0.47 -0.15
C2 LCG A 4 -1.92 3.84 0.00
N1 LCG A 4 -3.19 3.60 -0.47
O4' LCG A 4 1.39 -0.67 -0.83
OP2 LCG A 4 -0.14 -5.17 -2.15
N2 LCG A 4 -1.65 5.08 0.41
N3 LCG A 4 -0.95 2.91 0.04
O2' LCG A 4 2.56 0.47 1.52
O3' LCG A 4 1.47 -1.89 2.53
H5' LCG A 4 3.05 -2.86 -1.01
H5'' LCG A 4 2.61 -3.47 0.60
H3' LCG A 4 -0.01 -1.63 1.01
H6'1 LCG A 4 3.74 -0.19 -0.10
H6'2 LCG A 4 3.82 -1.20 1.38
H8 LCG A 4 -1.17 -1.43 -1.21
H2' LCG A 4 0.49 0.70 2.01
H1' LCG A 4 1.32 1.37 -0.48
H1 LCG A 4 -3.87 4.35 -0.49
H21 LCG A 4 -2.38 5.78 0.38
H22 LCG A 4 -0.74 5.32 0.77
#